data_7BI0
#
_entry.id   7BI0
#
loop_
_entity.id
_entity.type
_entity.pdbx_description
1 polymer (CH+)C(CH+)GAGA
2 polymer C(CH+)CGAGA
#
loop_
_entity_poly.entity_id
_entity_poly.type
_entity_poly.pdbx_seq_one_letter_code
_entity_poly.pdbx_strand_id
1 'polydeoxyribonucleotide' (DNR)(DC)(DNR)(DG)(DA)(DG)(DA) A,B
2 'polydeoxyribonucleotide' (DC)(DNR)(DC)(DG)(DA)(DG)(DA) C,D
#